data_5FK6
#
_entry.id   5FK6
#
_cell.length_a   62.170
_cell.length_b   62.170
_cell.length_c   153.359
_cell.angle_alpha   90.00
_cell.angle_beta   90.00
_cell.angle_gamma   90.00
#
_symmetry.space_group_name_H-M   'P 43 21 2'
#
loop_
_entity.id
_entity.type
_entity.pdbx_description
1 polymer 'SAM-I RIBOSWITCH'
2 non-polymer S-ADENOSYLMETHIONINE
3 non-polymer 'BARIUM ION'
4 non-polymer 'POTASSIUM ION'
5 water water
#
_entity_poly.entity_id   1
_entity_poly.type   'polyribonucleotide'
_entity_poly.pdbx_seq_one_letter_code
;GGCUUAUCAAGAGAGGGAGAGCGACUGGCGCGAAGACCCCCGGCAACCAGAAAUGGUGCCAAUUCCUGCAGCGGAAACGU
UGAAAGAUGAGCCA
;
_entity_poly.pdbx_strand_id   A
#
loop_
_chem_comp.id
_chem_comp.type
_chem_comp.name
_chem_comp.formula
A RNA linking ADENOSINE-5'-MONOPHOSPHATE 'C10 H14 N5 O7 P'
BA non-polymer 'BARIUM ION' 'Ba 2'
C RNA linking CYTIDINE-5'-MONOPHOSPHATE 'C9 H14 N3 O8 P'
G RNA linking GUANOSINE-5'-MONOPHOSPHATE 'C10 H14 N5 O8 P'
K non-polymer 'POTASSIUM ION' 'K 1'
SAM non-polymer S-ADENOSYLMETHIONINE 'C15 H22 N6 O5 S'
U RNA linking URIDINE-5'-MONOPHOSPHATE 'C9 H13 N2 O9 P'
#
# COMPACT_ATOMS: atom_id res chain seq x y z
N SAM B . -2.94 2.69 -1.15
CA SAM B . -2.05 2.37 -0.03
C SAM B . -1.27 3.61 0.39
O SAM B . -0.88 3.77 1.54
OXT SAM B . -1.03 4.51 -0.42
CB SAM B . -1.16 1.19 -0.39
CG SAM B . 0.12 1.02 0.43
SD SAM B . 0.86 -0.61 0.12
CE SAM B . 2.18 -0.68 1.36
C5' SAM B . 1.80 -0.22 -1.37
C4' SAM B . 1.28 -1.01 -2.57
O4' SAM B . -0.13 -0.89 -2.66
C3' SAM B . 1.84 -0.50 -3.89
O3' SAM B . 2.92 -1.31 -4.29
C2' SAM B . 0.69 -0.63 -4.86
O2' SAM B . 0.92 -1.69 -5.75
C1' SAM B . -0.55 -0.94 -4.01
N9 SAM B . -1.62 0.04 -4.26
C8 SAM B . -2.95 -0.26 -4.37
N7 SAM B . -3.63 0.89 -4.60
C5 SAM B . -2.75 1.93 -4.61
C6 SAM B . -2.92 3.30 -4.78
N6 SAM B . -4.13 3.83 -4.98
N1 SAM B . -1.82 4.13 -4.75
C2 SAM B . -0.56 3.60 -4.54
N3 SAM B . -0.41 2.23 -4.36
C4 SAM B . -1.49 1.41 -4.40
BA BA C . -5.30 6.85 27.51
BA BA D . 4.57 -3.60 12.69
BA BA E . 30.15 -7.20 19.34
BA BA F . 6.96 -10.40 3.64
BA BA G . -2.32 2.90 -17.64
BA BA H . 1.81 4.20 3.91
BA BA I . -17.19 10.52 12.96
BA BA J . -14.04 7.42 -1.19
BA BA K . -10.08 7.02 -8.99
BA BA L . -6.94 -15.57 -1.54
BA BA M . 2.99 8.54 6.24
BA BA N . -8.15 -22.33 -10.41
K K O . 20.66 -5.64 16.00
K K P . 15.75 -3.42 12.17
K K Q . 0.84 -11.07 -1.50
#